data_9GQS
#
_entry.id   9GQS
#
_cell.length_a   137.269
_cell.length_b   137.269
_cell.length_c   169.384
_cell.angle_alpha   90.000
_cell.angle_beta   90.000
_cell.angle_gamma   120.000
#
_symmetry.space_group_name_H-M   'P 32 2 1'
#
loop_
_entity.id
_entity.type
_entity.pdbx_description
1 polymer '1,2-beta-oligomannan phosphorylase'
2 non-polymer alpha-D-mannopyranose
3 non-polymer 'PHOSPHATE ION'
4 non-polymer 1,2-ETHANEDIOL
5 water water
#
_entity_poly.entity_id   1
_entity_poly.type   'polypeptide(L)'
_entity_poly.pdbx_seq_one_letter_code
;MGIKLKRLSDKPVLMPKAENEWERAAVFNTAAIYDNGLFHLIYRATDIGPHAKYGKYISRLGYAVSKDGINFMRLDKPVM
SNETEQELRGLEDPRIVKIDGIYYMMYTGFGDRFQDDYRICLATSKNLIDWERKGVVLDEPNKDASLFPEKINGKYVMLH
RRYPDIWIAFSDDLKNWYDHKPILKPIPNTWESARVGIGGPPIKTKDGWFLIYHAADDNNVYRLGAVLLDLEDPSKVIAR
QKEPILEPELGWEKEGYIPNVVFSCGNAVKDDTIYVYYGGADTVIGVAILEMKDIKFHHHHHH
;
_entity_poly.pdbx_strand_id   B,A
#
loop_
_chem_comp.id
_chem_comp.type
_chem_comp.name
_chem_comp.formula
EDO non-polymer 1,2-ETHANEDIOL 'C2 H6 O2'
MAN D-saccharide, alpha linking alpha-D-mannopyranose 'C6 H12 O6'
PO4 non-polymer 'PHOSPHATE ION' 'O4 P -3'
#
# COMPACT_ATOMS: atom_id res chain seq x y z
N GLY A 2 -12.07 -35.97 0.58
CA GLY A 2 -12.36 -34.79 -0.26
C GLY A 2 -11.36 -33.67 0.03
N ILE A 3 -11.85 -32.56 0.59
CA ILE A 3 -11.14 -31.30 0.52
C ILE A 3 -10.08 -31.25 1.62
N LYS A 4 -8.84 -30.93 1.22
CA LYS A 4 -7.78 -30.57 2.15
C LYS A 4 -7.05 -29.36 1.61
N LEU A 5 -6.80 -28.38 2.49
CA LEU A 5 -5.99 -27.22 2.14
C LEU A 5 -4.52 -27.66 2.13
N LYS A 6 -3.75 -27.10 1.19
CA LYS A 6 -2.35 -27.46 1.04
C LYS A 6 -1.50 -26.24 1.41
N ARG A 7 -0.74 -26.35 2.50
CA ARG A 7 0.13 -25.29 2.95
C ARG A 7 1.15 -24.95 1.86
N LEU A 8 1.39 -23.64 1.62
CA LEU A 8 2.35 -23.19 0.63
C LEU A 8 3.75 -23.12 1.21
N SER A 9 3.89 -23.31 2.52
CA SER A 9 5.14 -23.05 3.18
C SER A 9 5.10 -23.77 4.54
N ASP A 10 6.26 -24.24 5.02
CA ASP A 10 6.34 -24.77 6.38
C ASP A 10 6.70 -23.64 7.35
N LYS A 11 6.73 -22.41 6.86
CA LYS A 11 6.98 -21.25 7.70
C LYS A 11 5.81 -20.26 7.59
N PRO A 12 5.59 -19.42 8.62
CA PRO A 12 4.56 -18.37 8.55
C PRO A 12 4.91 -17.37 7.46
N VAL A 13 3.88 -16.71 6.90
CA VAL A 13 4.06 -15.66 5.93
C VAL A 13 4.08 -14.29 6.63
N LEU A 14 3.65 -14.24 7.89
CA LEU A 14 3.77 -13.00 8.64
C LEU A 14 3.92 -13.33 10.12
N MET A 15 4.84 -12.65 10.79
CA MET A 15 5.13 -12.88 12.19
C MET A 15 5.18 -11.55 12.92
N PRO A 16 5.04 -11.55 14.26
CA PRO A 16 5.12 -10.32 15.02
C PRO A 16 6.49 -9.65 14.88
N LYS A 17 6.50 -8.34 15.13
CA LYS A 17 7.65 -7.49 14.89
C LYS A 17 7.98 -6.75 16.19
N ALA A 18 9.12 -7.12 16.77
CA ALA A 18 9.59 -6.64 18.05
C ALA A 18 9.70 -5.12 18.12
N GLU A 19 10.00 -4.48 16.98
CA GLU A 19 10.29 -3.06 16.94
C GLU A 19 9.03 -2.22 17.11
N ASN A 20 7.86 -2.79 16.78
CA ASN A 20 6.61 -2.04 16.78
C ASN A 20 5.69 -2.56 17.88
N GLU A 21 5.45 -1.73 18.90
CA GLU A 21 4.71 -2.16 20.07
C GLU A 21 3.35 -2.74 19.68
N TRP A 22 2.66 -2.10 18.72
CA TRP A 22 1.30 -2.51 18.38
C TRP A 22 1.25 -3.92 17.78
N GLU A 23 2.36 -4.44 17.24
CA GLU A 23 2.38 -5.77 16.65
C GLU A 23 3.53 -6.61 17.21
N ARG A 24 3.90 -6.31 18.46
CA ARG A 24 5.07 -6.90 19.08
C ARG A 24 4.84 -8.37 19.44
N ALA A 25 3.62 -8.75 19.83
CA ALA A 25 3.38 -10.06 20.42
C ALA A 25 2.83 -11.07 19.40
N ALA A 26 1.82 -10.64 18.62
CA ALA A 26 1.10 -11.57 17.77
C ALA A 26 0.52 -10.86 16.55
N VAL A 27 0.52 -11.57 15.42
CA VAL A 27 -0.20 -11.17 14.22
C VAL A 27 -0.95 -12.41 13.75
N PHE A 28 -2.26 -12.26 13.53
CA PHE A 28 -3.10 -13.41 13.28
C PHE A 28 -4.43 -12.95 12.69
N ASN A 29 -5.27 -13.94 12.38
CA ASN A 29 -6.68 -13.75 12.07
C ASN A 29 -6.89 -12.58 11.13
N THR A 30 -6.40 -12.74 9.91
CA THR A 30 -6.30 -11.63 8.97
C THR A 30 -7.40 -11.74 7.91
N ALA A 31 -7.91 -10.58 7.50
CA ALA A 31 -8.66 -10.46 6.28
C ALA A 31 -7.67 -10.58 5.11
N ALA A 32 -8.18 -10.99 3.95
CA ALA A 32 -7.36 -11.14 2.76
C ALA A 32 -8.21 -10.89 1.52
N ILE A 33 -7.64 -10.15 0.58
CA ILE A 33 -8.31 -9.94 -0.67
C ILE A 33 -7.27 -9.77 -1.78
N TYR A 34 -7.58 -10.34 -2.96
CA TYR A 34 -6.78 -10.15 -4.15
C TYR A 34 -7.40 -9.01 -4.95
N ASP A 35 -6.62 -7.96 -5.20
CA ASP A 35 -7.11 -6.81 -5.95
C ASP A 35 -5.96 -6.10 -6.64
N ASN A 36 -6.17 -5.77 -7.93
CA ASN A 36 -5.24 -4.98 -8.74
C ASN A 36 -3.85 -5.63 -8.78
N GLY A 37 -3.82 -6.95 -8.92
CA GLY A 37 -2.57 -7.68 -9.12
C GLY A 37 -1.82 -7.98 -7.81
N LEU A 38 -2.44 -7.74 -6.65
CA LEU A 38 -1.76 -7.94 -5.38
C LEU A 38 -2.66 -8.65 -4.37
N PHE A 39 -2.02 -9.42 -3.48
CA PHE A 39 -2.66 -9.93 -2.27
C PHE A 39 -2.51 -8.89 -1.16
N HIS A 40 -3.64 -8.57 -0.51
CA HIS A 40 -3.67 -7.60 0.57
C HIS A 40 -4.19 -8.29 1.83
N LEU A 41 -3.48 -8.06 2.94
CA LEU A 41 -3.87 -8.54 4.26
C LEU A 41 -4.21 -7.35 5.13
N ILE A 42 -5.35 -7.42 5.80
CA ILE A 42 -5.63 -6.58 6.96
C ILE A 42 -5.61 -7.49 8.18
N TYR A 43 -4.54 -7.39 8.96
CA TYR A 43 -4.24 -8.42 9.95
C TYR A 43 -4.49 -7.88 11.35
N ARG A 44 -4.96 -8.77 12.23
CA ARG A 44 -5.05 -8.47 13.65
C ARG A 44 -3.65 -8.53 14.28
N ALA A 45 -3.34 -7.55 15.13
CA ALA A 45 -2.06 -7.49 15.81
C ALA A 45 -2.24 -7.06 17.25
N THR A 46 -1.49 -7.68 18.18
CA THR A 46 -1.56 -7.31 19.59
C THR A 46 -0.18 -6.99 20.13
N ASP A 47 -0.17 -6.08 21.11
CA ASP A 47 1.00 -5.67 21.86
C ASP A 47 1.40 -6.74 22.88
N ILE A 48 0.42 -7.55 23.29
CA ILE A 48 0.53 -8.51 24.38
C ILE A 48 -0.16 -9.79 23.90
N GLY A 49 0.30 -10.94 24.40
CA GLY A 49 -0.32 -12.21 24.05
C GLY A 49 -1.83 -12.12 24.21
N PRO A 50 -2.62 -12.58 23.20
CA PRO A 50 -4.06 -12.37 23.16
C PRO A 50 -4.88 -13.29 24.06
N HIS A 51 -4.64 -13.19 25.37
CA HIS A 51 -5.45 -13.84 26.40
C HIS A 51 -5.24 -13.10 27.70
N ALA A 52 -6.26 -13.12 28.57
CA ALA A 52 -6.22 -12.39 29.83
C ALA A 52 -5.04 -12.82 30.70
N LYS A 53 -4.60 -14.08 30.55
CA LYS A 53 -3.52 -14.59 31.37
C LYS A 53 -2.19 -13.90 31.05
N TYR A 54 -2.10 -13.23 29.89
CA TYR A 54 -0.87 -12.52 29.50
C TYR A 54 -0.96 -11.04 29.85
N GLY A 55 -2.17 -10.45 29.81
CA GLY A 55 -2.34 -9.04 30.18
C GLY A 55 -3.47 -8.39 29.39
N LYS A 56 -3.62 -7.06 29.48
CA LYS A 56 -4.72 -6.35 28.83
C LYS A 56 -4.35 -6.03 27.38
N TYR A 57 -4.34 -7.06 26.54
CA TYR A 57 -3.96 -6.92 25.15
C TYR A 57 -4.91 -5.95 24.43
N ILE A 58 -4.36 -5.18 23.49
CA ILE A 58 -5.14 -4.36 22.60
C ILE A 58 -4.88 -4.82 21.18
N SER A 59 -5.96 -5.08 20.44
CA SER A 59 -5.88 -5.51 19.06
C SER A 59 -6.00 -4.30 18.12
N ARG A 60 -5.12 -4.24 17.11
CA ARG A 60 -5.19 -3.23 16.08
C ARG A 60 -4.98 -3.90 14.72
N LEU A 61 -5.30 -3.17 13.65
CA LEU A 61 -5.33 -3.74 12.32
C LEU A 61 -4.21 -3.18 11.47
N GLY A 62 -3.35 -4.08 10.96
CA GLY A 62 -2.25 -3.73 10.09
C GLY A 62 -2.54 -4.07 8.63
N TYR A 63 -1.69 -3.54 7.73
CA TYR A 63 -1.77 -3.79 6.30
C TYR A 63 -0.48 -4.44 5.82
N ALA A 64 -0.62 -5.49 5.01
CA ALA A 64 0.49 -6.12 4.31
C ALA A 64 0.09 -6.41 2.87
N VAL A 65 1.10 -6.49 1.97
CA VAL A 65 0.83 -6.67 0.55
C VAL A 65 1.89 -7.58 -0.06
N SER A 66 1.50 -8.31 -1.11
CA SER A 66 2.35 -9.32 -1.72
C SER A 66 1.98 -9.50 -3.19
N LYS A 67 2.98 -9.76 -4.04
CA LYS A 67 2.73 -10.09 -5.44
C LYS A 67 2.41 -11.57 -5.56
N ASP A 68 2.97 -12.42 -4.69
CA ASP A 68 2.93 -13.86 -4.89
C ASP A 68 2.07 -14.59 -3.85
N GLY A 69 1.64 -13.89 -2.80
CA GLY A 69 0.80 -14.49 -1.77
C GLY A 69 1.58 -15.18 -0.65
N ILE A 70 2.92 -15.11 -0.69
CA ILE A 70 3.77 -15.77 0.30
C ILE A 70 4.70 -14.76 0.96
N ASN A 71 5.27 -13.86 0.17
CA ASN A 71 6.26 -12.91 0.64
C ASN A 71 5.63 -11.53 0.72
N PHE A 72 5.52 -11.01 1.94
CA PHE A 72 4.73 -9.82 2.23
C PHE A 72 5.64 -8.68 2.62
N MET A 73 5.24 -7.49 2.19
CA MET A 73 5.74 -6.24 2.72
C MET A 73 4.64 -5.69 3.62
N ARG A 74 5.03 -4.97 4.68
CA ARG A 74 4.08 -4.56 5.71
C ARG A 74 4.30 -3.09 6.06
N LEU A 75 3.20 -2.38 6.34
CA LEU A 75 3.27 -1.01 6.80
C LEU A 75 3.63 -0.98 8.29
N ASP A 76 4.23 0.14 8.68
CA ASP A 76 4.87 0.30 9.97
C ASP A 76 3.86 0.73 11.05
N LYS A 77 2.68 1.18 10.63
CA LYS A 77 1.65 1.64 11.55
C LYS A 77 0.34 0.95 11.19
N PRO A 78 -0.60 0.79 12.15
CA PRO A 78 -1.88 0.18 11.85
C PRO A 78 -2.79 1.10 11.02
N VAL A 79 -3.61 0.49 10.18
CA VAL A 79 -4.55 1.25 9.36
C VAL A 79 -5.84 1.54 10.15
N MET A 80 -6.11 0.73 11.18
CA MET A 80 -7.16 1.06 12.14
C MET A 80 -6.65 0.76 13.55
N SER A 81 -6.93 1.71 14.45
CA SER A 81 -6.51 1.62 15.84
C SER A 81 -7.74 1.76 16.74
N ASN A 82 -7.55 1.53 18.05
CA ASN A 82 -8.62 1.61 19.04
C ASN A 82 -9.03 3.06 19.24
N GLU A 83 -10.24 3.43 18.82
CA GLU A 83 -10.66 4.82 18.84
C GLU A 83 -11.99 5.03 19.58
N THR A 84 -12.89 4.05 19.60
CA THR A 84 -14.17 4.26 20.25
C THR A 84 -14.24 3.45 21.55
N GLU A 85 -15.33 3.67 22.29
CA GLU A 85 -15.59 2.99 23.54
C GLU A 85 -15.87 1.52 23.27
N GLN A 86 -16.50 1.21 22.12
CA GLN A 86 -16.74 -0.16 21.73
C GLN A 86 -15.43 -0.87 21.35
N GLU A 87 -14.36 -0.08 21.14
CA GLU A 87 -13.06 -0.61 20.78
C GLU A 87 -12.01 -0.38 21.88
N LEU A 88 -12.41 -0.29 23.16
CA LEU A 88 -11.45 -0.03 24.23
C LEU A 88 -10.29 -1.01 24.16
N ARG A 89 -10.58 -2.30 23.90
CA ARG A 89 -9.57 -3.34 23.81
C ARG A 89 -9.25 -3.69 22.35
N GLY A 90 -9.81 -2.92 21.40
CA GLY A 90 -9.32 -2.94 20.04
C GLY A 90 -10.27 -3.60 19.04
N LEU A 91 -9.72 -3.95 17.87
CA LEU A 91 -10.44 -4.41 16.70
C LEU A 91 -9.93 -5.80 16.34
N GLU A 92 -10.83 -6.75 16.07
CA GLU A 92 -10.45 -8.14 15.97
C GLU A 92 -11.06 -8.77 14.71
N ASP A 93 -10.30 -9.71 14.12
CA ASP A 93 -10.84 -10.75 13.25
C ASP A 93 -11.63 -10.15 12.09
N PRO A 94 -11.03 -9.25 11.28
CA PRO A 94 -11.75 -8.60 10.20
C PRO A 94 -12.02 -9.54 9.03
N ARG A 95 -13.20 -9.37 8.41
CA ARG A 95 -13.55 -10.03 7.17
C ARG A 95 -13.92 -8.97 6.14
N ILE A 96 -13.35 -9.07 4.94
CA ILE A 96 -13.51 -8.04 3.93
C ILE A 96 -14.06 -8.66 2.65
N VAL A 97 -15.04 -7.95 2.07
CA VAL A 97 -15.49 -8.20 0.71
C VAL A 97 -15.49 -6.86 -0.01
N LYS A 98 -15.47 -6.91 -1.35
CA LYS A 98 -15.52 -5.71 -2.17
C LYS A 98 -16.81 -5.76 -3.01
N ILE A 99 -17.61 -4.70 -2.92
CA ILE A 99 -18.86 -4.63 -3.66
C ILE A 99 -18.92 -3.26 -4.32
N ASP A 100 -18.97 -3.24 -5.67
CA ASP A 100 -19.09 -2.02 -6.45
C ASP A 100 -18.06 -0.98 -6.00
N GLY A 101 -16.80 -1.41 -5.90
CA GLY A 101 -15.69 -0.50 -5.71
C GLY A 101 -15.51 -0.06 -4.25
N ILE A 102 -16.22 -0.70 -3.32
CA ILE A 102 -16.12 -0.35 -1.91
C ILE A 102 -15.81 -1.62 -1.12
N TYR A 103 -14.81 -1.52 -0.24
CA TYR A 103 -14.48 -2.61 0.67
C TYR A 103 -15.34 -2.49 1.92
N TYR A 104 -16.01 -3.58 2.29
CA TYR A 104 -16.82 -3.68 3.49
C TYR A 104 -16.11 -4.61 4.46
N MET A 105 -15.59 -4.02 5.55
CA MET A 105 -14.91 -4.79 6.57
C MET A 105 -15.82 -4.92 7.80
N MET A 106 -16.13 -6.17 8.16
CA MET A 106 -16.73 -6.41 9.45
C MET A 106 -15.69 -6.94 10.43
N TYR A 107 -15.65 -6.32 11.61
CA TYR A 107 -14.70 -6.66 12.66
C TYR A 107 -15.40 -6.67 14.01
N THR A 108 -14.78 -7.33 15.00
CA THR A 108 -15.26 -7.32 16.36
C THR A 108 -14.65 -6.13 17.10
N GLY A 109 -15.49 -5.24 17.62
CA GLY A 109 -15.07 -4.23 18.57
C GLY A 109 -15.20 -4.78 19.99
N PHE A 110 -14.05 -5.01 20.65
CA PHE A 110 -14.00 -5.55 22.01
C PHE A 110 -13.90 -4.39 22.99
N GLY A 111 -14.95 -4.19 23.78
CA GLY A 111 -15.00 -3.11 24.77
C GLY A 111 -14.58 -3.58 26.16
N ASP A 112 -15.05 -4.78 26.54
CA ASP A 112 -14.81 -5.41 27.84
C ASP A 112 -15.26 -4.53 29.01
N ARG A 113 -16.32 -3.73 28.83
CA ARG A 113 -16.84 -2.87 29.88
C ARG A 113 -17.83 -3.62 30.76
N PHE A 114 -18.30 -4.78 30.32
CA PHE A 114 -19.30 -5.56 31.02
C PHE A 114 -19.36 -6.91 30.31
N GLN A 115 -20.22 -7.82 30.79
CA GLN A 115 -20.21 -9.17 30.28
C GLN A 115 -20.66 -9.16 28.81
N ASP A 116 -19.92 -9.93 27.99
CA ASP A 116 -20.19 -10.10 26.57
C ASP A 116 -20.15 -8.77 25.81
N ASP A 117 -19.28 -7.83 26.23
CA ASP A 117 -19.14 -6.55 25.55
C ASP A 117 -18.21 -6.67 24.33
N TYR A 118 -18.65 -7.42 23.32
CA TYR A 118 -18.01 -7.45 22.02
C TYR A 118 -19.11 -7.40 20.96
N ARG A 119 -18.88 -6.61 19.91
CA ARG A 119 -19.89 -6.33 18.90
C ARG A 119 -19.29 -6.35 17.50
N ILE A 120 -20.09 -6.86 16.55
CA ILE A 120 -19.78 -6.72 15.14
C ILE A 120 -19.89 -5.25 14.75
N CYS A 121 -18.84 -4.73 14.13
CA CYS A 121 -18.79 -3.36 13.62
C CYS A 121 -18.42 -3.37 12.14
N LEU A 122 -18.74 -2.28 11.45
CA LEU A 122 -18.54 -2.17 10.02
C LEU A 122 -17.66 -0.95 9.78
N ALA A 123 -16.66 -1.13 8.89
CA ALA A 123 -15.93 -0.01 8.31
C ALA A 123 -15.85 -0.20 6.80
N THR A 124 -15.74 0.90 6.07
CA THR A 124 -15.66 0.86 4.62
C THR A 124 -14.45 1.67 4.17
N SER A 125 -13.95 1.29 2.98
CA SER A 125 -12.80 1.94 2.37
C SER A 125 -12.86 1.77 0.86
N LYS A 126 -12.22 2.71 0.16
CA LYS A 126 -11.99 2.60 -1.26
C LYS A 126 -10.59 2.07 -1.56
N ASN A 127 -9.70 2.01 -0.56
CA ASN A 127 -8.29 1.83 -0.82
C ASN A 127 -7.59 0.95 0.22
N LEU A 128 -8.30 0.44 1.22
CA LEU A 128 -7.79 -0.49 2.23
C LEU A 128 -6.87 0.17 3.25
N ILE A 129 -6.67 1.49 3.15
CA ILE A 129 -5.78 2.22 4.05
C ILE A 129 -6.60 3.19 4.91
N ASP A 130 -7.48 3.93 4.26
CA ASP A 130 -8.35 4.91 4.90
C ASP A 130 -9.73 4.29 5.15
N TRP A 131 -10.02 4.01 6.43
CA TRP A 131 -11.22 3.30 6.82
C TRP A 131 -12.20 4.25 7.51
N GLU A 132 -13.47 4.16 7.11
CA GLU A 132 -14.54 4.96 7.70
C GLU A 132 -15.43 4.04 8.53
N ARG A 133 -15.51 4.31 9.83
CA ARG A 133 -16.37 3.55 10.73
C ARG A 133 -17.83 3.84 10.42
N LYS A 134 -18.62 2.76 10.37
CA LYS A 134 -20.06 2.85 10.15
C LYS A 134 -20.84 2.47 11.40
N GLY A 135 -20.15 1.98 12.43
CA GLY A 135 -20.80 1.67 13.69
C GLY A 135 -21.08 0.18 13.85
N VAL A 136 -21.74 -0.13 14.96
CA VAL A 136 -22.13 -1.50 15.30
C VAL A 136 -23.22 -1.95 14.32
N VAL A 137 -23.14 -3.23 13.91
CA VAL A 137 -24.02 -3.78 12.89
C VAL A 137 -25.24 -4.43 13.54
N LEU A 138 -24.96 -5.30 14.53
CA LEU A 138 -25.99 -5.92 15.36
C LEU A 138 -25.68 -5.56 16.81
N ASP A 139 -26.61 -4.91 17.52
CA ASP A 139 -26.36 -4.58 18.91
C ASP A 139 -26.73 -5.77 19.80
N GLU A 140 -25.81 -6.75 19.84
CA GLU A 140 -25.96 -7.96 20.63
C GLU A 140 -24.58 -8.62 20.69
N PRO A 141 -24.30 -9.49 21.69
CA PRO A 141 -23.06 -10.26 21.71
C PRO A 141 -22.89 -11.16 20.49
N ASN A 142 -21.92 -10.82 19.66
CA ASN A 142 -21.81 -11.45 18.34
C ASN A 142 -20.44 -11.15 17.77
N LYS A 143 -20.00 -12.01 16.85
CA LYS A 143 -18.73 -11.89 16.15
C LYS A 143 -18.74 -12.88 14.97
N ASP A 144 -17.58 -13.10 14.34
CA ASP A 144 -17.46 -14.08 13.27
C ASP A 144 -18.50 -13.75 12.18
N ALA A 145 -18.41 -12.50 11.69
CA ALA A 145 -19.38 -11.98 10.75
C ALA A 145 -18.70 -11.46 9.48
N SER A 146 -19.46 -11.56 8.38
CA SER A 146 -19.05 -11.00 7.09
C SER A 146 -20.29 -10.79 6.22
N LEU A 147 -20.22 -9.79 5.34
CA LEU A 147 -21.10 -9.77 4.19
C LEU A 147 -20.74 -10.91 3.23
N PHE A 148 -21.73 -11.30 2.42
CA PHE A 148 -21.50 -12.00 1.17
C PHE A 148 -20.91 -10.99 0.18
N PRO A 149 -20.03 -11.44 -0.74
CA PRO A 149 -19.39 -10.53 -1.69
C PRO A 149 -20.26 -9.99 -2.82
N GLU A 150 -21.54 -10.36 -2.84
CA GLU A 150 -22.51 -9.65 -3.66
C GLU A 150 -23.88 -9.71 -3.00
N LYS A 151 -24.76 -8.84 -3.49
CA LYS A 151 -26.17 -8.83 -3.11
C LYS A 151 -26.83 -10.07 -3.69
N ILE A 152 -27.79 -10.60 -2.95
CA ILE A 152 -28.59 -11.73 -3.40
C ILE A 152 -30.04 -11.28 -3.43
N ASN A 153 -30.61 -11.29 -4.64
CA ASN A 153 -31.98 -10.90 -4.88
C ASN A 153 -32.23 -9.50 -4.30
N GLY A 154 -31.29 -8.58 -4.55
CA GLY A 154 -31.45 -7.18 -4.20
C GLY A 154 -31.06 -6.86 -2.77
N LYS A 155 -30.61 -7.86 -2.00
CA LYS A 155 -30.39 -7.69 -0.57
C LYS A 155 -28.93 -7.94 -0.17
N TYR A 156 -28.45 -7.17 0.80
CA TYR A 156 -27.22 -7.53 1.49
C TYR A 156 -27.48 -8.75 2.36
N VAL A 157 -26.51 -9.67 2.40
CA VAL A 157 -26.60 -10.86 3.22
C VAL A 157 -25.37 -10.93 4.11
N MET A 158 -25.55 -11.30 5.38
CA MET A 158 -24.41 -11.40 6.30
C MET A 158 -24.51 -12.72 7.06
N LEU A 159 -23.34 -13.26 7.39
CA LEU A 159 -23.23 -14.38 8.32
C LEU A 159 -22.80 -13.80 9.66
N HIS A 160 -23.29 -14.41 10.75
CA HIS A 160 -22.94 -13.99 12.10
C HIS A 160 -22.94 -15.22 12.99
N ARG A 161 -22.79 -15.02 14.31
CA ARG A 161 -22.56 -16.15 15.20
C ARG A 161 -23.13 -15.85 16.59
N ARG A 162 -24.44 -16.07 16.72
CA ARG A 162 -25.07 -16.19 18.02
C ARG A 162 -24.64 -17.53 18.63
N TYR A 163 -23.86 -17.46 19.71
CA TYR A 163 -23.15 -18.62 20.21
C TYR A 163 -24.13 -19.76 20.49
N PRO A 164 -23.84 -21.01 20.06
CA PRO A 164 -22.62 -21.35 19.32
C PRO A 164 -22.74 -21.67 17.83
N ASP A 165 -23.71 -21.07 17.15
CA ASP A 165 -24.07 -21.48 15.81
C ASP A 165 -23.81 -20.36 14.81
N ILE A 166 -23.63 -20.73 13.53
CA ILE A 166 -23.58 -19.75 12.46
C ILE A 166 -25.01 -19.40 12.06
N TRP A 167 -25.25 -18.09 11.93
CA TRP A 167 -26.52 -17.54 11.54
C TRP A 167 -26.35 -16.74 10.25
N ILE A 168 -27.48 -16.47 9.59
CA ILE A 168 -27.53 -15.61 8.42
C ILE A 168 -28.60 -14.56 8.68
N ALA A 169 -28.47 -13.39 8.04
CA ALA A 169 -29.49 -12.38 8.07
C ALA A 169 -29.41 -11.54 6.80
N PHE A 170 -30.42 -10.69 6.59
CA PHE A 170 -30.60 -9.96 5.36
C PHE A 170 -30.89 -8.49 5.68
N SER A 171 -30.56 -7.60 4.74
CA SER A 171 -30.77 -6.18 4.93
C SER A 171 -30.95 -5.50 3.59
N ASP A 172 -31.70 -4.40 3.59
CA ASP A 172 -31.86 -3.58 2.41
C ASP A 172 -30.75 -2.54 2.34
N ASP A 173 -30.19 -2.17 3.50
CA ASP A 173 -29.38 -0.97 3.56
C ASP A 173 -28.26 -1.04 4.60
N LEU A 174 -28.05 -2.20 5.22
CA LEU A 174 -27.01 -2.42 6.23
C LEU A 174 -27.37 -1.83 7.60
N LYS A 175 -28.50 -1.11 7.70
CA LYS A 175 -28.89 -0.42 8.91
C LYS A 175 -29.79 -1.31 9.79
N ASN A 176 -30.68 -2.07 9.17
CA ASN A 176 -31.57 -2.95 9.91
C ASN A 176 -31.58 -4.32 9.24
N TRP A 177 -31.61 -5.35 10.08
CA TRP A 177 -31.44 -6.73 9.61
C TRP A 177 -32.67 -7.54 9.97
N TYR A 178 -32.98 -8.52 9.11
CA TYR A 178 -34.17 -9.34 9.25
C TYR A 178 -33.93 -10.73 8.67
N ASP A 179 -34.92 -11.62 8.88
CA ASP A 179 -34.83 -13.02 8.50
C ASP A 179 -33.59 -13.69 9.09
N HIS A 180 -33.28 -13.37 10.36
CA HIS A 180 -32.25 -14.09 11.08
C HIS A 180 -32.66 -15.56 11.17
N LYS A 181 -31.74 -16.47 10.81
CA LYS A 181 -31.94 -17.88 11.09
C LYS A 181 -30.59 -18.56 11.21
N PRO A 182 -30.49 -19.64 12.01
CA PRO A 182 -29.26 -20.41 12.10
C PRO A 182 -29.11 -21.31 10.87
N ILE A 183 -27.89 -21.51 10.39
CA ILE A 183 -27.65 -22.33 9.21
C ILE A 183 -26.68 -23.47 9.53
N LEU A 184 -25.90 -23.37 10.61
CA LEU A 184 -24.88 -24.37 10.88
C LEU A 184 -24.63 -24.47 12.38
N LYS A 185 -24.66 -25.71 12.89
CA LYS A 185 -24.57 -25.98 14.31
C LYS A 185 -23.39 -26.90 14.58
N PRO A 186 -22.85 -26.93 15.82
CA PRO A 186 -21.87 -27.94 16.21
C PRO A 186 -22.49 -29.33 16.15
N ILE A 187 -21.62 -30.35 16.04
CA ILE A 187 -22.05 -31.74 16.01
C ILE A 187 -21.41 -32.46 17.19
N PRO A 188 -22.19 -33.07 18.11
CA PRO A 188 -21.61 -33.70 19.30
C PRO A 188 -20.67 -34.85 18.97
N ASN A 189 -19.67 -35.06 19.86
CA ASN A 189 -18.73 -36.17 19.79
C ASN A 189 -17.94 -36.16 18.49
N THR A 190 -17.61 -34.96 18.00
CA THR A 190 -16.74 -34.78 16.84
C THR A 190 -15.76 -33.66 17.16
N TRP A 191 -14.87 -33.40 16.21
CA TRP A 191 -13.95 -32.27 16.22
C TRP A 191 -14.68 -30.92 16.21
N GLU A 192 -15.98 -30.93 15.86
CA GLU A 192 -16.74 -29.70 15.74
C GLU A 192 -17.87 -29.67 16.78
N SER A 193 -17.54 -30.02 18.03
CA SER A 193 -18.57 -30.26 19.05
C SER A 193 -18.88 -29.01 19.87
N ALA A 194 -17.90 -28.14 20.12
CA ALA A 194 -18.09 -27.08 21.10
C ALA A 194 -18.76 -25.85 20.48
N ARG A 195 -18.31 -25.44 19.29
CA ARG A 195 -18.88 -24.28 18.64
C ARG A 195 -18.40 -24.20 17.19
N VAL A 196 -19.10 -23.39 16.39
CA VAL A 196 -18.69 -23.13 15.02
C VAL A 196 -18.80 -21.64 14.77
N GLY A 197 -18.10 -21.21 13.71
CA GLY A 197 -18.15 -19.84 13.22
C GLY A 197 -17.54 -19.80 11.82
N ILE A 198 -17.87 -18.75 11.05
CA ILE A 198 -17.31 -18.64 9.71
C ILE A 198 -15.80 -18.47 9.81
N GLY A 199 -15.14 -18.85 8.72
CA GLY A 199 -13.78 -18.42 8.45
C GLY A 199 -13.83 -17.08 7.73
N GLY A 200 -13.28 -17.04 6.52
CA GLY A 200 -13.36 -15.86 5.69
C GLY A 200 -14.74 -15.76 5.05
N PRO A 201 -14.99 -14.67 4.28
CA PRO A 201 -16.23 -14.53 3.53
C PRO A 201 -16.45 -15.70 2.57
N PRO A 202 -17.70 -16.04 2.24
CA PRO A 202 -17.99 -17.11 1.30
C PRO A 202 -17.54 -16.74 -0.12
N ILE A 203 -17.29 -17.77 -0.93
CA ILE A 203 -16.83 -17.59 -2.30
C ILE A 203 -17.83 -18.22 -3.25
N LYS A 204 -18.22 -17.47 -4.28
CA LYS A 204 -19.23 -17.91 -5.22
C LYS A 204 -18.64 -18.95 -6.18
N THR A 205 -19.45 -19.98 -6.45
CA THR A 205 -19.06 -21.17 -7.21
C THR A 205 -20.23 -21.54 -8.13
N LYS A 206 -19.97 -22.34 -9.16
CA LYS A 206 -21.03 -22.81 -10.03
C LYS A 206 -22.04 -23.62 -9.22
N ASP A 207 -21.54 -24.40 -8.26
CA ASP A 207 -22.36 -25.34 -7.49
C ASP A 207 -22.97 -24.74 -6.23
N GLY A 208 -22.57 -23.52 -5.86
CA GLY A 208 -23.05 -22.89 -4.63
C GLY A 208 -22.02 -21.96 -4.01
N TRP A 209 -22.36 -21.41 -2.83
CA TRP A 209 -21.42 -20.62 -2.05
C TRP A 209 -20.49 -21.54 -1.26
N PHE A 210 -19.19 -21.46 -1.56
CA PHE A 210 -18.18 -22.19 -0.81
C PHE A 210 -17.81 -21.37 0.42
N LEU A 211 -17.98 -21.99 1.60
CA LEU A 211 -17.78 -21.31 2.86
C LEU A 211 -16.88 -22.16 3.75
N ILE A 212 -15.73 -21.60 4.12
CA ILE A 212 -14.88 -22.24 5.11
C ILE A 212 -15.38 -21.80 6.49
N TYR A 213 -15.40 -22.74 7.42
CA TYR A 213 -15.79 -22.44 8.79
C TYR A 213 -14.75 -22.97 9.74
N HIS A 214 -14.80 -22.51 10.99
CA HIS A 214 -13.94 -23.05 12.03
C HIS A 214 -14.81 -23.74 13.06
N ALA A 215 -14.19 -24.61 13.85
CA ALA A 215 -14.87 -25.24 14.97
C ALA A 215 -13.84 -25.55 16.05
N ALA A 216 -14.32 -25.56 17.29
CA ALA A 216 -13.54 -26.02 18.42
C ALA A 216 -14.08 -27.37 18.88
N ASP A 217 -13.18 -28.24 19.34
CA ASP A 217 -13.58 -29.51 19.93
C ASP A 217 -13.65 -29.32 21.44
N ASP A 218 -13.75 -30.42 22.19
CA ASP A 218 -13.99 -30.35 23.62
C ASP A 218 -12.73 -29.98 24.39
N ASN A 219 -11.56 -29.95 23.73
CA ASN A 219 -10.34 -29.46 24.36
C ASN A 219 -9.88 -28.14 23.76
N ASN A 220 -10.78 -27.48 23.03
CA ASN A 220 -10.57 -26.14 22.52
C ASN A 220 -9.50 -26.14 21.42
N VAL A 221 -9.42 -27.23 20.67
CA VAL A 221 -8.60 -27.30 19.47
C VAL A 221 -9.44 -26.76 18.32
N TYR A 222 -8.89 -25.76 17.62
CA TYR A 222 -9.59 -25.13 16.51
C TYR A 222 -9.10 -25.71 15.20
N ARG A 223 -10.06 -26.06 14.33
CA ARG A 223 -9.79 -26.59 13.01
C ARG A 223 -10.74 -25.93 12.02
N LEU A 224 -10.43 -26.05 10.73
CA LEU A 224 -11.27 -25.50 9.67
C LEU A 224 -12.02 -26.64 8.97
N GLY A 225 -13.25 -26.33 8.55
CA GLY A 225 -14.07 -27.23 7.75
C GLY A 225 -14.63 -26.49 6.54
N ALA A 226 -15.48 -27.19 5.77
CA ALA A 226 -16.01 -26.63 4.54
C ALA A 226 -17.47 -26.99 4.38
N VAL A 227 -18.26 -26.01 3.91
CA VAL A 227 -19.67 -26.19 3.65
C VAL A 227 -20.00 -25.54 2.31
N LEU A 228 -21.05 -26.05 1.65
CA LEU A 228 -21.55 -25.47 0.41
C LEU A 228 -23.01 -25.04 0.61
N LEU A 229 -23.32 -23.79 0.24
CA LEU A 229 -24.66 -23.22 0.42
C LEU A 229 -25.30 -22.99 -0.94
N ASP A 230 -26.63 -23.00 -0.97
CA ASP A 230 -27.38 -22.76 -2.20
C ASP A 230 -27.17 -21.32 -2.65
N LEU A 231 -27.06 -21.11 -3.96
CA LEU A 231 -26.71 -19.81 -4.51
C LEU A 231 -27.77 -18.77 -4.22
N GLU A 232 -29.05 -19.14 -4.40
CA GLU A 232 -30.14 -18.19 -4.37
C GLU A 232 -30.73 -18.10 -2.96
N ASP A 233 -30.67 -19.21 -2.20
CA ASP A 233 -31.04 -19.21 -0.79
C ASP A 233 -29.88 -19.75 0.06
N PRO A 234 -28.93 -18.89 0.48
CA PRO A 234 -27.77 -19.34 1.23
C PRO A 234 -28.06 -19.90 2.63
N SER A 235 -29.32 -19.88 3.06
CA SER A 235 -29.70 -20.55 4.30
C SER A 235 -29.78 -22.07 4.10
N LYS A 236 -29.81 -22.53 2.85
CA LYS A 236 -29.88 -23.96 2.60
C LYS A 236 -28.47 -24.53 2.44
N VAL A 237 -28.12 -25.44 3.35
CA VAL A 237 -26.86 -26.15 3.24
C VAL A 237 -27.00 -27.28 2.23
N ILE A 238 -26.27 -27.20 1.12
CA ILE A 238 -26.23 -28.23 0.10
C ILE A 238 -25.33 -29.38 0.55
N ALA A 239 -24.18 -29.07 1.16
CA ALA A 239 -23.25 -30.10 1.60
C ALA A 239 -22.36 -29.57 2.72
N ARG A 240 -21.90 -30.51 3.55
CA ARG A 240 -21.02 -30.21 4.66
C ARG A 240 -20.05 -31.37 4.80
N GLN A 241 -18.75 -31.10 4.62
CA GLN A 241 -17.76 -32.16 4.73
C GLN A 241 -17.65 -32.61 6.18
N LYS A 242 -17.56 -33.93 6.38
CA LYS A 242 -17.52 -34.52 7.71
C LYS A 242 -16.17 -34.19 8.37
N GLU A 243 -15.09 -34.25 7.59
CA GLU A 243 -13.73 -34.14 8.09
C GLU A 243 -13.23 -32.70 7.93
N PRO A 244 -12.29 -32.26 8.78
CA PRO A 244 -11.68 -30.93 8.63
C PRO A 244 -10.85 -30.79 7.37
N ILE A 245 -10.71 -29.55 6.88
CA ILE A 245 -9.87 -29.24 5.73
C ILE A 245 -8.49 -28.75 6.17
N LEU A 246 -8.32 -28.42 7.46
CA LEU A 246 -7.05 -27.96 8.00
C LEU A 246 -7.06 -28.12 9.51
N GLU A 247 -5.96 -28.67 10.06
CA GLU A 247 -5.81 -28.88 11.49
C GLU A 247 -4.43 -28.40 11.90
N PRO A 248 -4.22 -28.03 13.18
CA PRO A 248 -2.89 -27.71 13.68
C PRO A 248 -1.95 -28.91 13.52
N GLU A 249 -0.85 -28.71 12.78
CA GLU A 249 0.12 -29.76 12.48
C GLU A 249 1.53 -29.23 12.73
N LEU A 250 1.88 -28.08 12.15
CA LEU A 250 3.19 -27.50 12.31
C LEU A 250 3.36 -26.93 13.71
N GLY A 251 4.62 -26.71 14.11
CA GLY A 251 4.95 -26.29 15.46
C GLY A 251 4.34 -24.93 15.81
N TRP A 252 4.24 -24.04 14.81
CA TRP A 252 3.74 -22.69 15.04
C TRP A 252 2.21 -22.62 14.92
N GLU A 253 1.60 -23.75 14.54
CA GLU A 253 0.15 -23.92 14.62
C GLU A 253 -0.23 -24.53 15.97
N LYS A 254 0.62 -25.39 16.50
CA LYS A 254 0.34 -26.11 17.75
C LYS A 254 0.80 -25.32 18.97
N GLU A 255 1.89 -24.56 18.84
CA GLU A 255 2.48 -23.87 19.98
C GLU A 255 2.50 -22.37 19.72
N GLY A 256 2.14 -21.62 20.75
CA GLY A 256 1.98 -20.18 20.69
C GLY A 256 1.16 -19.71 21.89
N TYR A 257 0.67 -18.47 21.84
CA TYR A 257 -0.08 -17.91 22.95
C TYR A 257 -1.35 -18.72 23.22
N ILE A 258 -2.00 -19.21 22.16
CA ILE A 258 -3.15 -20.08 22.30
C ILE A 258 -2.83 -21.37 21.56
N PRO A 259 -2.57 -22.48 22.25
CA PRO A 259 -2.17 -23.71 21.57
C PRO A 259 -3.24 -24.35 20.70
N ASN A 260 -2.79 -25.03 19.65
CA ASN A 260 -3.60 -25.89 18.80
C ASN A 260 -4.74 -25.10 18.14
N VAL A 261 -4.37 -24.06 17.41
CA VAL A 261 -5.35 -23.25 16.70
C VAL A 261 -4.90 -23.02 15.27
N VAL A 262 -5.80 -23.31 14.34
CA VAL A 262 -5.80 -22.66 13.04
C VAL A 262 -7.14 -21.94 12.92
N PHE A 263 -7.12 -20.71 12.40
CA PHE A 263 -8.29 -19.86 12.38
C PHE A 263 -8.18 -18.87 11.23
N SER A 264 -9.19 -18.85 10.36
CA SER A 264 -9.15 -18.02 9.16
C SER A 264 -10.20 -16.92 9.22
N CYS A 265 -9.84 -15.73 8.70
CA CYS A 265 -10.76 -14.64 8.47
C CYS A 265 -10.66 -14.13 7.04
N GLY A 266 -9.94 -14.87 6.19
CA GLY A 266 -9.54 -14.34 4.88
C GLY A 266 -9.24 -15.45 3.87
N ASN A 267 -9.81 -15.30 2.68
CA ASN A 267 -9.50 -16.20 1.57
C ASN A 267 -9.55 -15.41 0.27
N ALA A 268 -8.35 -15.11 -0.25
CA ALA A 268 -8.19 -14.38 -1.49
C ALA A 268 -8.18 -15.33 -2.68
N VAL A 269 -8.68 -14.87 -3.83
CA VAL A 269 -8.77 -15.71 -5.01
C VAL A 269 -7.96 -15.10 -6.15
N LYS A 270 -7.06 -15.91 -6.72
CA LYS A 270 -6.31 -15.54 -7.91
C LYS A 270 -6.30 -16.72 -8.89
N ASP A 271 -6.93 -16.51 -10.06
CA ASP A 271 -6.91 -17.48 -11.16
C ASP A 271 -7.39 -18.86 -10.68
N ASP A 272 -8.59 -18.90 -10.10
CA ASP A 272 -9.19 -20.17 -9.71
C ASP A 272 -8.40 -20.90 -8.63
N THR A 273 -7.52 -20.19 -7.92
CA THR A 273 -6.92 -20.74 -6.71
C THR A 273 -7.32 -19.88 -5.51
N ILE A 274 -7.76 -20.56 -4.44
CA ILE A 274 -8.12 -19.91 -3.20
C ILE A 274 -6.90 -19.94 -2.28
N TYR A 275 -6.49 -18.76 -1.82
CA TYR A 275 -5.43 -18.63 -0.83
C TYR A 275 -6.08 -18.36 0.52
N VAL A 276 -6.05 -19.36 1.40
CA VAL A 276 -6.62 -19.26 2.72
C VAL A 276 -5.53 -18.82 3.70
N TYR A 277 -5.65 -17.59 4.21
CA TYR A 277 -4.75 -17.10 5.25
C TYR A 277 -5.38 -17.45 6.60
N TYR A 278 -4.51 -17.80 7.56
CA TYR A 278 -4.98 -18.30 8.84
C TYR A 278 -3.98 -17.95 9.93
N GLY A 279 -4.52 -17.64 11.10
CA GLY A 279 -3.72 -17.50 12.31
C GLY A 279 -3.32 -18.88 12.81
N GLY A 280 -2.04 -18.99 13.20
CA GLY A 280 -1.53 -20.16 13.87
C GLY A 280 -1.27 -19.84 15.34
N ALA A 281 -1.97 -20.57 16.21
CA ALA A 281 -1.83 -20.45 17.66
C ALA A 281 -2.02 -19.01 18.15
N ASP A 282 -2.83 -18.22 17.42
CA ASP A 282 -3.11 -16.83 17.75
C ASP A 282 -1.81 -16.03 17.87
N THR A 283 -0.80 -16.38 17.05
CA THR A 283 0.52 -15.80 17.18
C THR A 283 1.07 -15.36 15.81
N VAL A 284 0.90 -16.17 14.77
CA VAL A 284 1.46 -15.88 13.46
C VAL A 284 0.43 -16.16 12.38
N ILE A 285 0.77 -15.85 11.13
CA ILE A 285 -0.11 -16.04 9.99
C ILE A 285 0.54 -16.99 9.00
N GLY A 286 -0.24 -17.97 8.54
CA GLY A 286 0.17 -18.91 7.50
C GLY A 286 -0.78 -18.82 6.31
N VAL A 287 -0.48 -19.60 5.26
CA VAL A 287 -1.30 -19.63 4.07
C VAL A 287 -1.36 -21.06 3.53
N ALA A 288 -2.55 -21.47 3.08
CA ALA A 288 -2.75 -22.75 2.43
C ALA A 288 -3.71 -22.55 1.26
N ILE A 289 -3.63 -23.42 0.26
CA ILE A 289 -4.40 -23.18 -0.95
C ILE A 289 -5.37 -24.32 -1.23
N LEU A 290 -6.35 -23.98 -2.06
CA LEU A 290 -7.33 -24.91 -2.59
C LEU A 290 -7.70 -24.45 -3.99
N GLU A 291 -7.49 -25.30 -4.98
CA GLU A 291 -7.88 -25.00 -6.34
C GLU A 291 -9.38 -25.23 -6.47
N MET A 292 -10.06 -24.34 -7.18
CA MET A 292 -11.51 -24.37 -7.22
C MET A 292 -11.99 -25.66 -7.86
N LYS A 293 -11.19 -26.25 -8.76
CA LYS A 293 -11.54 -27.51 -9.39
C LYS A 293 -11.54 -28.66 -8.38
N ASP A 294 -10.90 -28.46 -7.21
CA ASP A 294 -10.84 -29.50 -6.19
C ASP A 294 -11.93 -29.35 -5.12
N ILE A 295 -12.86 -28.39 -5.30
CA ILE A 295 -14.00 -28.29 -4.40
C ILE A 295 -15.01 -29.36 -4.77
N LYS A 296 -14.99 -30.47 -4.01
CA LYS A 296 -15.83 -31.62 -4.27
C LYS A 296 -16.29 -32.22 -2.94
N PHE A 297 -17.62 -32.31 -2.78
CA PHE A 297 -18.24 -32.88 -1.60
C PHE A 297 -18.86 -34.24 -1.92
N HIS A 298 -18.71 -35.21 -1.00
CA HIS A 298 -19.16 -36.59 -1.15
C HIS A 298 -20.37 -36.67 -2.10
N GLY B 2 6.16 36.78 -6.77
CA GLY B 2 5.20 35.78 -7.28
C GLY B 2 5.25 34.51 -6.44
N ILE B 3 5.68 33.42 -7.06
CA ILE B 3 5.40 32.09 -6.56
C ILE B 3 6.39 31.72 -5.46
N LYS B 4 5.85 31.28 -4.32
CA LYS B 4 6.65 30.69 -3.25
C LYS B 4 5.92 29.45 -2.73
N LEU B 5 6.65 28.36 -2.54
CA LEU B 5 6.11 27.17 -1.93
C LEU B 5 6.02 27.43 -0.43
N LYS B 6 4.97 26.90 0.21
CA LYS B 6 4.74 27.07 1.63
C LYS B 6 4.91 25.72 2.32
N ARG B 7 5.96 25.59 3.13
CA ARG B 7 6.20 24.36 3.88
C ARG B 7 5.02 24.03 4.79
N LEU B 8 4.60 22.75 4.83
CA LEU B 8 3.48 22.33 5.66
C LEU B 8 3.93 21.98 7.07
N SER B 9 5.24 21.97 7.31
CA SER B 9 5.77 21.47 8.57
C SER B 9 7.19 22.01 8.73
N ASP B 10 7.64 22.24 9.96
CA ASP B 10 9.04 22.55 10.20
C ASP B 10 9.86 21.28 10.39
N LYS B 11 9.22 20.11 10.22
CA LYS B 11 9.88 18.83 10.33
C LYS B 11 9.73 18.03 9.04
N PRO B 12 10.65 17.09 8.75
CA PRO B 12 10.52 16.23 7.58
C PRO B 12 9.29 15.34 7.71
N VAL B 13 8.73 14.92 6.57
CA VAL B 13 7.62 13.99 6.55
C VAL B 13 8.13 12.55 6.42
N LEU B 14 9.40 12.37 6.05
CA LEU B 14 9.97 11.04 6.02
C LEU B 14 11.47 11.13 6.29
N MET B 15 11.94 10.24 7.15
CA MET B 15 13.34 10.21 7.57
C MET B 15 13.89 8.80 7.42
N PRO B 16 15.22 8.61 7.37
CA PRO B 16 15.79 7.28 7.29
C PRO B 16 15.44 6.42 8.51
N LYS B 17 15.49 5.11 8.33
CA LYS B 17 15.22 4.16 9.40
C LYS B 17 16.42 3.24 9.56
N ALA B 18 17.19 3.44 10.64
CA ALA B 18 18.48 2.79 10.82
C ALA B 18 18.37 1.26 10.86
N GLU B 19 17.20 0.73 11.25
CA GLU B 19 17.03 -0.70 11.42
C GLU B 19 16.89 -1.43 10.08
N ASN B 20 16.61 -0.70 8.98
CA ASN B 20 16.54 -1.31 7.65
C ASN B 20 17.73 -0.85 6.81
N GLU B 21 18.61 -1.79 6.46
CA GLU B 21 19.85 -1.45 5.78
C GLU B 21 19.58 -0.59 4.55
N TRP B 22 18.57 -0.95 3.76
CA TRP B 22 18.37 -0.29 2.48
C TRP B 22 17.99 1.18 2.62
N GLU B 23 17.45 1.59 3.79
CA GLU B 23 17.04 2.98 4.00
C GLU B 23 17.65 3.54 5.28
N ARG B 24 18.83 3.03 5.63
CA ARG B 24 19.46 3.33 6.91
C ARG B 24 19.95 4.77 7.00
N ALA B 25 20.47 5.32 5.90
CA ALA B 25 21.22 6.57 5.98
C ALA B 25 20.44 7.77 5.47
N ALA B 26 19.70 7.59 4.36
CA ALA B 26 19.02 8.72 3.73
C ALA B 26 17.78 8.26 2.98
N VAL B 27 16.75 9.12 3.03
CA VAL B 27 15.59 9.01 2.19
C VAL B 27 15.35 10.39 1.59
N PHE B 28 15.20 10.44 0.26
CA PHE B 28 15.16 11.71 -0.44
C PHE B 28 14.61 11.53 -1.85
N ASN B 29 14.48 12.66 -2.54
CA ASN B 29 14.26 12.72 -3.98
C ASN B 29 13.19 11.72 -4.41
N THR B 30 11.95 11.96 -3.95
CA THR B 30 10.89 10.98 -4.08
C THR B 30 9.95 11.38 -5.22
N ALA B 31 9.44 10.36 -5.92
CA ALA B 31 8.26 10.51 -6.74
C ALA B 31 7.05 10.66 -5.81
N ALA B 32 5.99 11.29 -6.33
CA ALA B 32 4.77 11.49 -5.57
C ALA B 32 3.58 11.53 -6.52
N ILE B 33 2.50 10.89 -6.10
CA ILE B 33 1.28 10.94 -6.87
C ILE B 33 0.09 10.79 -5.92
N TYR B 34 -0.97 11.55 -6.22
CA TYR B 34 -2.25 11.41 -5.52
C TYR B 34 -3.13 10.49 -6.35
N ASP B 35 -3.59 9.38 -5.75
CA ASP B 35 -4.43 8.42 -6.44
C ASP B 35 -5.30 7.68 -5.43
N ASN B 36 -6.60 7.55 -5.78
CA ASN B 36 -7.57 6.79 -5.01
C ASN B 36 -7.63 7.24 -3.55
N GLY B 37 -7.59 8.56 -3.33
CA GLY B 37 -7.80 9.14 -2.02
C GLY B 37 -6.55 9.15 -1.16
N LEU B 38 -5.38 8.82 -1.74
CA LEU B 38 -4.15 8.76 -0.95
C LEU B 38 -2.99 9.42 -1.68
N PHE B 39 -2.06 9.98 -0.90
CA PHE B 39 -0.75 10.39 -1.38
C PHE B 39 0.20 9.20 -1.33
N HIS B 40 0.90 8.94 -2.44
CA HIS B 40 1.84 7.84 -2.54
C HIS B 40 3.22 8.40 -2.88
N LEU B 41 4.23 7.93 -2.14
CA LEU B 41 5.62 8.27 -2.39
C LEU B 41 6.37 7.03 -2.84
N ILE B 42 7.15 7.17 -3.91
CA ILE B 42 8.19 6.20 -4.24
C ILE B 42 9.50 6.92 -4.03
N TYR B 43 10.20 6.58 -2.93
CA TYR B 43 11.28 7.41 -2.44
C TYR B 43 12.63 6.73 -2.68
N ARG B 44 13.64 7.55 -2.97
CA ARG B 44 15.02 7.08 -3.04
C ARG B 44 15.54 6.86 -1.63
N ALA B 45 16.25 5.75 -1.42
CA ALA B 45 16.83 5.44 -0.12
C ALA B 45 18.24 4.86 -0.29
N THR B 46 19.17 5.23 0.60
CA THR B 46 20.51 4.68 0.56
C THR B 46 20.89 4.07 1.91
N ASP B 47 21.77 3.07 1.81
CA ASP B 47 22.31 2.32 2.94
C ASP B 47 23.37 3.14 3.67
N ILE B 48 24.03 4.05 2.96
CA ILE B 48 25.06 4.91 3.52
C ILE B 48 24.90 6.29 2.88
N GLY B 49 25.58 7.28 3.47
CA GLY B 49 25.53 8.64 2.95
C GLY B 49 25.72 8.65 1.44
N PRO B 50 24.83 9.34 0.68
CA PRO B 50 24.89 9.32 -0.78
C PRO B 50 25.95 10.26 -1.37
N HIS B 51 27.21 9.92 -1.08
CA HIS B 51 28.35 10.60 -1.65
C HIS B 51 29.54 9.65 -1.65
N ALA B 52 30.38 9.80 -2.68
CA ALA B 52 31.49 8.90 -2.89
C ALA B 52 32.46 8.90 -1.70
N LYS B 53 32.51 10.00 -0.95
CA LYS B 53 33.41 10.11 0.18
C LYS B 53 33.03 9.12 1.29
N TYR B 54 31.77 8.63 1.29
CA TYR B 54 31.30 7.70 2.31
C TYR B 54 31.46 6.25 1.87
N GLY B 55 31.48 6.00 0.57
CA GLY B 55 31.65 4.65 0.03
C GLY B 55 30.71 4.42 -1.16
N LYS B 56 30.59 3.15 -1.57
CA LYS B 56 29.78 2.79 -2.72
C LYS B 56 28.33 2.62 -2.28
N TYR B 57 27.65 3.75 -2.06
CA TYR B 57 26.25 3.74 -1.68
C TYR B 57 25.41 3.07 -2.77
N ILE B 58 24.35 2.38 -2.33
CA ILE B 58 23.38 1.81 -3.25
C ILE B 58 22.02 2.44 -2.99
N SER B 59 21.38 2.92 -4.07
CA SER B 59 20.06 3.53 -3.98
C SER B 59 18.99 2.49 -4.31
N ARG B 60 17.93 2.45 -3.49
CA ARG B 60 16.76 1.60 -3.76
C ARG B 60 15.50 2.41 -3.54
N LEU B 61 14.37 1.87 -4.00
CA LEU B 61 13.12 2.64 -4.04
C LEU B 61 12.12 2.06 -3.04
N GLY B 62 11.64 2.91 -2.14
CA GLY B 62 10.65 2.54 -1.14
C GLY B 62 9.27 3.10 -1.45
N TYR B 63 8.25 2.60 -0.73
CA TYR B 63 6.87 3.04 -0.87
C TYR B 63 6.37 3.59 0.47
N ALA B 64 5.71 4.74 0.43
CA ALA B 64 5.02 5.31 1.57
C ALA B 64 3.66 5.86 1.13
N VAL B 65 2.72 5.95 2.08
CA VAL B 65 1.36 6.34 1.77
C VAL B 65 0.80 7.19 2.91
N SER B 66 -0.11 8.10 2.57
CA SER B 66 -0.66 9.06 3.53
C SER B 66 -2.07 9.49 3.11
N LYS B 67 -2.94 9.74 4.09
CA LYS B 67 -4.26 10.28 3.83
C LYS B 67 -4.16 11.80 3.70
N ASP B 68 -3.24 12.43 4.41
CA ASP B 68 -3.25 13.87 4.56
C ASP B 68 -2.06 14.56 3.87
N GLY B 69 -1.07 13.79 3.41
CA GLY B 69 0.08 14.33 2.70
C GLY B 69 1.23 14.75 3.63
N ILE B 70 1.08 14.52 4.95
CA ILE B 70 2.08 14.92 5.93
C ILE B 70 2.54 13.73 6.76
N ASN B 71 1.59 12.87 7.16
CA ASN B 71 1.87 11.74 8.03
C ASN B 71 1.80 10.46 7.21
N PHE B 72 2.96 9.79 7.11
CA PHE B 72 3.13 8.69 6.17
C PHE B 72 3.29 7.37 6.91
N MET B 73 2.74 6.32 6.31
CA MET B 73 3.04 4.95 6.66
C MET B 73 3.94 4.41 5.56
N ARG B 74 4.87 3.50 5.92
CA ARG B 74 5.90 3.08 4.98
C ARG B 74 6.04 1.57 5.02
N LEU B 75 6.31 0.98 3.85
CA LEU B 75 6.59 -0.44 3.74
C LEU B 75 8.03 -0.70 4.16
N ASP B 76 8.26 -1.93 4.61
CA ASP B 76 9.46 -2.33 5.31
C ASP B 76 10.55 -2.77 4.32
N LYS B 77 10.15 -3.02 3.07
CA LYS B 77 11.06 -3.47 2.04
C LYS B 77 10.90 -2.57 0.82
N PRO B 78 11.95 -2.42 -0.02
CA PRO B 78 11.85 -1.60 -1.21
C PRO B 78 10.99 -2.25 -2.28
N VAL B 79 10.30 -1.42 -3.08
CA VAL B 79 9.47 -1.92 -4.15
C VAL B 79 10.31 -2.14 -5.42
N MET B 80 11.45 -1.45 -5.52
CA MET B 80 12.46 -1.79 -6.52
C MET B 80 13.85 -1.78 -5.87
N SER B 81 14.63 -2.79 -6.23
CA SER B 81 15.99 -2.96 -5.74
C SER B 81 16.95 -3.05 -6.93
N ASN B 82 18.25 -3.01 -6.65
CA ASN B 82 19.31 -3.07 -7.66
C ASN B 82 19.37 -4.47 -8.26
N GLU B 83 18.96 -4.60 -9.54
CA GLU B 83 18.84 -5.93 -10.16
C GLU B 83 19.66 -6.06 -11.44
N THR B 84 19.88 -4.98 -12.19
CA THR B 84 20.59 -5.11 -13.45
C THR B 84 21.98 -4.50 -13.36
N GLU B 85 22.75 -4.67 -14.43
CA GLU B 85 24.10 -4.13 -14.52
C GLU B 85 24.05 -2.62 -14.62
N GLN B 86 22.99 -2.08 -15.26
CA GLN B 86 22.81 -0.65 -15.32
C GLN B 86 22.42 -0.08 -13.95
N GLU B 87 22.01 -0.96 -13.02
CA GLU B 87 21.63 -0.56 -11.67
C GLU B 87 22.61 -1.08 -10.61
N LEU B 88 23.90 -1.29 -10.95
CA LEU B 88 24.84 -1.82 -9.98
C LEU B 88 24.82 -0.99 -8.69
N ARG B 89 24.74 0.33 -8.82
CA ARG B 89 24.72 1.25 -7.68
C ARG B 89 23.29 1.74 -7.40
N GLY B 90 22.29 1.18 -8.09
CA GLY B 90 20.91 1.32 -7.68
C GLY B 90 20.09 2.23 -8.59
N LEU B 91 18.93 2.65 -8.05
CA LEU B 91 17.89 3.39 -8.77
C LEU B 91 17.69 4.72 -8.08
N GLU B 92 17.63 5.80 -8.85
CA GLU B 92 17.65 7.14 -8.29
C GLU B 92 16.55 8.02 -8.88
N ASP B 93 16.02 8.92 -8.03
CA ASP B 93 15.35 10.13 -8.46
C ASP B 93 14.17 9.81 -9.38
N PRO B 94 13.21 8.97 -8.94
CA PRO B 94 12.11 8.56 -9.81
C PRO B 94 11.09 9.69 -10.01
N ARG B 95 10.55 9.75 -11.23
CA ARG B 95 9.43 10.62 -11.57
C ARG B 95 8.32 9.77 -12.15
N ILE B 96 7.10 9.96 -11.65
CA ILE B 96 5.99 9.11 -12.01
C ILE B 96 4.84 9.95 -12.55
N VAL B 97 4.24 9.46 -13.65
CA VAL B 97 2.96 9.96 -14.13
C VAL B 97 2.08 8.74 -14.36
N LYS B 98 0.76 8.97 -14.39
CA LYS B 98 -0.21 7.93 -14.68
C LYS B 98 -0.93 8.26 -15.98
N ILE B 99 -0.91 7.32 -16.91
CA ILE B 99 -1.56 7.50 -18.21
C ILE B 99 -2.39 6.26 -18.49
N ASP B 100 -3.71 6.45 -18.60
CA ASP B 100 -4.66 5.39 -18.95
C ASP B 100 -4.43 4.16 -18.08
N GLY B 101 -4.35 4.40 -16.76
CA GLY B 101 -4.37 3.32 -15.79
C GLY B 101 -3.01 2.67 -15.57
N ILE B 102 -1.95 3.25 -16.15
CA ILE B 102 -0.60 2.71 -16.00
C ILE B 102 0.32 3.80 -15.47
N TYR B 103 1.09 3.46 -14.43
CA TYR B 103 2.12 4.36 -13.91
C TYR B 103 3.41 4.16 -14.71
N TYR B 104 3.97 5.27 -15.19
CA TYR B 104 5.23 5.30 -15.92
C TYR B 104 6.27 5.99 -15.03
N MET B 105 7.22 5.20 -14.56
CA MET B 105 8.28 5.73 -13.71
C MET B 105 9.57 5.80 -14.51
N MET B 106 10.11 7.01 -14.61
CA MET B 106 11.47 7.17 -15.11
C MET B 106 12.41 7.42 -13.94
N TYR B 107 13.51 6.65 -13.93
CA TYR B 107 14.52 6.70 -12.88
C TYR B 107 15.90 6.63 -13.50
N THR B 108 16.91 7.04 -12.73
CA THR B 108 18.29 6.90 -13.14
C THR B 108 18.82 5.55 -12.66
N GLY B 109 19.29 4.71 -13.59
CA GLY B 109 20.06 3.53 -13.27
C GLY B 109 21.55 3.90 -13.25
N PHE B 110 22.14 3.88 -12.05
CA PHE B 110 23.54 4.23 -11.85
C PHE B 110 24.38 2.96 -11.85
N GLY B 111 25.22 2.80 -12.88
CA GLY B 111 26.04 1.60 -13.03
C GLY B 111 27.46 1.81 -12.49
N ASP B 112 28.03 2.99 -12.76
CA ASP B 112 29.36 3.39 -12.36
C ASP B 112 30.44 2.41 -12.85
N ARG B 113 30.24 1.79 -14.02
CA ARG B 113 31.22 0.88 -14.58
C ARG B 113 32.26 1.63 -15.42
N PHE B 114 32.00 2.90 -15.72
CA PHE B 114 32.87 3.72 -16.57
C PHE B 114 32.34 5.15 -16.45
N GLN B 115 32.99 6.08 -17.15
CA GLN B 115 32.65 7.49 -17.03
C GLN B 115 31.22 7.71 -17.49
N ASP B 116 30.45 8.48 -16.70
CA ASP B 116 29.10 8.89 -17.05
C ASP B 116 28.17 7.68 -17.23
N ASP B 117 28.38 6.60 -16.46
CA ASP B 117 27.55 5.41 -16.57
C ASP B 117 26.29 5.57 -15.71
N TYR B 118 25.42 6.51 -16.10
CA TYR B 118 24.10 6.63 -15.55
C TYR B 118 23.11 6.88 -16.69
N ARG B 119 21.96 6.21 -16.63
CA ARG B 119 21.00 6.20 -17.72
C ARG B 119 19.58 6.33 -17.20
N ILE B 120 18.76 7.09 -17.93
CA ILE B 120 17.32 7.10 -17.76
C ILE B 120 16.76 5.73 -18.10
N CYS B 121 16.00 5.15 -17.16
CA CYS B 121 15.32 3.88 -17.33
C CYS B 121 13.84 4.04 -17.04
N LEU B 122 13.04 3.11 -17.56
CA LEU B 122 11.60 3.14 -17.47
C LEU B 122 11.14 1.88 -16.77
N ALA B 123 10.21 2.04 -15.81
CA ALA B 123 9.43 0.93 -15.27
C ALA B 123 7.96 1.31 -15.24
N THR B 124 7.09 0.30 -15.34
CA THR B 124 5.65 0.53 -15.34
C THR B 124 5.01 -0.35 -14.28
N SER B 125 3.85 0.12 -13.80
CA SER B 125 3.07 -0.59 -12.80
C SER B 125 1.61 -0.19 -12.92
N LYS B 126 0.75 -1.09 -12.45
CA LYS B 126 -0.67 -0.81 -12.28
C LYS B 126 -1.00 -0.42 -10.84
N ASN B 127 -0.07 -0.63 -9.90
CA ASN B 127 -0.40 -0.60 -8.49
C ASN B 127 0.69 0.02 -7.60
N LEU B 128 1.80 0.47 -8.20
CA LEU B 128 2.88 1.19 -7.50
C LEU B 128 3.74 0.27 -6.61
N ILE B 129 3.46 -1.03 -6.61
CA ILE B 129 4.19 -1.98 -5.79
C ILE B 129 4.96 -2.95 -6.69
N ASP B 130 4.27 -3.49 -7.70
CA ASP B 130 4.84 -4.43 -8.66
C ASP B 130 5.27 -3.67 -9.92
N TRP B 131 6.59 -3.53 -10.09
CA TRP B 131 7.18 -2.74 -11.16
C TRP B 131 7.80 -3.65 -12.23
N GLU B 132 7.52 -3.34 -13.50
CA GLU B 132 8.10 -4.05 -14.62
C GLU B 132 9.09 -3.14 -15.32
N ARG B 133 10.36 -3.57 -15.37
CA ARG B 133 11.41 -2.84 -16.06
C ARG B 133 11.17 -2.89 -17.56
N LYS B 134 11.31 -1.72 -18.21
CA LYS B 134 11.19 -1.60 -19.64
C LYS B 134 12.52 -1.28 -20.30
N GLY B 135 13.56 -1.02 -19.50
CA GLY B 135 14.90 -0.82 -20.03
C GLY B 135 15.27 0.65 -20.10
N VAL B 136 16.46 0.90 -20.65
CA VAL B 136 16.99 2.24 -20.83
C VAL B 136 16.16 2.97 -21.89
N VAL B 137 15.92 4.25 -21.67
CA VAL B 137 15.04 5.06 -22.50
C VAL B 137 15.87 5.77 -23.57
N LEU B 138 16.93 6.46 -23.13
CA LEU B 138 17.91 7.10 -23.99
C LEU B 138 19.28 6.52 -23.68
N ASP B 139 19.96 5.92 -24.66
CA ASP B 139 21.27 5.36 -24.38
C ASP B 139 22.32 6.46 -24.51
N GLU B 140 22.42 7.29 -23.49
CA GLU B 140 23.35 8.39 -23.40
C GLU B 140 23.42 8.86 -21.94
N PRO B 141 24.49 9.53 -21.48
CA PRO B 141 24.52 10.10 -20.13
C PRO B 141 23.43 11.15 -19.91
N ASN B 142 22.48 10.80 -19.04
CA ASN B 142 21.27 11.59 -18.92
C ASN B 142 20.54 11.17 -17.64
N LYS B 143 19.71 12.09 -17.14
CA LYS B 143 18.91 11.90 -15.94
C LYS B 143 17.88 13.03 -15.87
N ASP B 144 17.21 13.19 -14.72
CA ASP B 144 16.26 14.27 -14.53
C ASP B 144 15.24 14.23 -15.66
N ALA B 145 14.56 13.07 -15.77
CA ALA B 145 13.65 12.81 -16.87
C ALA B 145 12.28 12.38 -16.36
N SER B 146 11.25 12.69 -17.16
CA SER B 146 9.88 12.28 -16.91
C SER B 146 9.09 12.35 -18.20
N LEU B 147 8.07 11.50 -18.33
CA LEU B 147 7.00 11.77 -19.27
C LEU B 147 6.18 12.96 -18.80
N PHE B 148 5.49 13.60 -19.78
CA PHE B 148 4.34 14.42 -19.50
C PHE B 148 3.19 13.50 -19.11
N PRO B 149 2.28 13.96 -18.23
CA PRO B 149 1.17 13.13 -17.75
C PRO B 149 0.05 12.87 -18.76
N GLU B 150 0.18 13.41 -19.97
CA GLU B 150 -0.67 12.97 -21.06
C GLU B 150 0.10 13.10 -22.38
N LYS B 151 -0.41 12.38 -23.38
CA LYS B 151 0.06 12.51 -24.75
C LYS B 151 -0.33 13.88 -25.28
N ILE B 152 0.55 14.43 -26.12
CA ILE B 152 0.30 15.70 -26.76
C ILE B 152 0.32 15.45 -28.27
N ASN B 153 -0.83 15.71 -28.88
CA ASN B 153 -1.01 15.55 -30.31
C ASN B 153 -0.61 14.13 -30.72
N GLY B 154 -1.04 13.13 -29.93
CA GLY B 154 -0.89 11.73 -30.28
C GLY B 154 0.47 11.14 -29.87
N LYS B 155 1.31 11.96 -29.23
CA LYS B 155 2.69 11.57 -28.97
C LYS B 155 3.00 11.56 -27.47
N TYR B 156 3.84 10.61 -27.04
CA TYR B 156 4.49 10.72 -25.74
C TYR B 156 5.50 11.84 -25.78
N VAL B 157 5.59 12.62 -24.70
CA VAL B 157 6.58 13.69 -24.59
C VAL B 157 7.38 13.48 -23.32
N MET B 158 8.70 13.70 -23.37
CA MET B 158 9.53 13.53 -22.19
C MET B 158 10.44 14.74 -22.04
N LEU B 159 10.76 15.08 -20.79
CA LEU B 159 11.82 16.02 -20.47
C LEU B 159 13.05 15.21 -20.06
N HIS B 160 14.24 15.73 -20.38
CA HIS B 160 15.50 15.08 -20.02
C HIS B 160 16.53 16.17 -19.80
N ARG B 161 17.79 15.76 -19.60
CA ARG B 161 18.80 16.71 -19.16
C ARG B 161 20.18 16.31 -19.70
N ARG B 162 20.44 16.68 -20.95
CA ARG B 162 21.80 16.70 -21.49
C ARG B 162 22.54 17.87 -20.85
N TYR B 163 23.54 17.54 -20.02
CA TYR B 163 24.14 18.52 -19.13
C TYR B 163 24.62 19.74 -19.93
N PRO B 164 24.33 20.98 -19.48
CA PRO B 164 23.57 21.25 -18.26
C PRO B 164 22.15 21.79 -18.41
N ASP B 165 21.45 21.42 -19.50
CA ASP B 165 20.21 22.06 -19.87
C ASP B 165 19.05 21.07 -19.83
N ILE B 166 17.83 21.58 -19.66
CA ILE B 166 16.64 20.77 -19.81
C ILE B 166 16.31 20.67 -21.29
N TRP B 167 16.04 19.43 -21.73
CA TRP B 167 15.66 19.12 -23.10
C TRP B 167 14.28 18.48 -23.11
N ILE B 168 13.66 18.46 -24.29
CA ILE B 168 12.40 17.78 -24.53
C ILE B 168 12.60 16.85 -25.72
N ALA B 169 11.79 15.78 -25.81
CA ALA B 169 11.78 14.93 -26.96
C ALA B 169 10.41 14.25 -27.07
N PHE B 170 10.17 13.57 -28.19
CA PHE B 170 8.86 13.03 -28.52
C PHE B 170 9.01 11.59 -29.00
N SER B 171 7.95 10.81 -28.86
CA SER B 171 7.98 9.41 -29.25
C SER B 171 6.57 8.93 -29.59
N ASP B 172 6.48 7.96 -30.50
CA ASP B 172 5.21 7.34 -30.84
C ASP B 172 4.96 6.16 -29.91
N ASP B 173 6.01 5.58 -29.35
CA ASP B 173 5.85 4.28 -28.69
C ASP B 173 6.81 4.08 -27.51
N LEU B 174 7.55 5.12 -27.10
CA LEU B 174 8.50 5.06 -25.99
C LEU B 174 9.81 4.33 -26.35
N LYS B 175 9.90 3.78 -27.56
CA LYS B 175 11.04 2.97 -27.97
C LYS B 175 12.08 3.82 -28.69
N ASN B 176 11.65 4.78 -29.52
CA ASN B 176 12.56 5.65 -30.21
C ASN B 176 12.08 7.08 -30.08
N TRP B 177 13.04 8.01 -29.94
CA TRP B 177 12.74 9.39 -29.60
C TRP B 177 13.26 10.31 -30.69
N TYR B 178 12.56 11.44 -30.90
CA TYR B 178 12.89 12.38 -31.96
C TYR B 178 12.48 13.79 -31.55
N ASP B 179 12.88 14.76 -32.38
CA ASP B 179 12.67 16.18 -32.11
C ASP B 179 13.26 16.58 -30.76
N HIS B 180 14.44 16.06 -30.44
CA HIS B 180 15.17 16.54 -29.28
C HIS B 180 15.47 18.03 -29.46
N LYS B 181 15.15 18.84 -28.45
CA LYS B 181 15.64 20.21 -28.44
C LYS B 181 15.77 20.69 -27.00
N PRO B 182 16.69 21.62 -26.71
CA PRO B 182 16.79 22.20 -25.38
C PRO B 182 15.68 23.22 -25.18
N ILE B 183 15.13 23.32 -23.96
CA ILE B 183 14.08 24.28 -23.68
C ILE B 183 14.45 25.22 -22.53
N LEU B 184 15.47 24.88 -21.73
CA LEU B 184 15.78 25.68 -20.56
C LEU B 184 17.26 25.54 -20.22
N LYS B 185 17.93 26.68 -20.05
CA LYS B 185 19.37 26.73 -19.84
C LYS B 185 19.66 27.47 -18.54
N PRO B 186 20.85 27.25 -17.92
CA PRO B 186 21.27 28.07 -16.79
C PRO B 186 21.44 29.52 -17.21
N ILE B 187 21.41 30.41 -16.21
CA ILE B 187 21.59 31.84 -16.43
C ILE B 187 22.80 32.31 -15.63
N PRO B 188 23.83 32.87 -16.28
CA PRO B 188 25.06 33.26 -15.55
C PRO B 188 24.82 34.31 -14.47
N ASN B 189 25.64 34.25 -13.42
CA ASN B 189 25.67 35.21 -12.33
C ASN B 189 24.32 35.29 -11.62
N THR B 190 23.66 34.14 -11.48
CA THR B 190 22.43 34.01 -10.71
C THR B 190 22.53 32.73 -9.87
N TRP B 191 21.46 32.49 -9.09
CA TRP B 191 21.28 31.26 -8.34
C TRP B 191 21.16 30.04 -9.25
N GLU B 192 20.89 30.27 -10.54
CA GLU B 192 20.68 29.17 -11.48
C GLU B 192 21.79 29.15 -12.54
N SER B 193 23.04 29.29 -12.11
CA SER B 193 24.15 29.51 -13.02
C SER B 193 24.83 28.22 -13.47
N ALA B 194 24.89 27.19 -12.62
CA ALA B 194 25.73 26.04 -12.90
C ALA B 194 25.00 25.02 -13.77
N ARG B 195 23.74 24.72 -13.44
CA ARG B 195 23.00 23.73 -14.20
C ARG B 195 21.52 23.79 -13.82
N VAL B 196 20.68 23.20 -14.67
CA VAL B 196 19.26 23.09 -14.38
C VAL B 196 18.80 21.68 -14.70
N GLY B 197 17.65 21.31 -14.13
CA GLY B 197 17.01 20.04 -14.39
C GLY B 197 15.57 20.09 -13.89
N ILE B 198 14.71 19.22 -14.40
CA ILE B 198 13.33 19.22 -13.94
C ILE B 198 13.30 18.84 -12.46
N GLY B 199 12.22 19.27 -11.81
CA GLY B 199 11.79 18.69 -10.56
C GLY B 199 10.91 17.49 -10.83
N GLY B 200 9.67 17.55 -10.35
CA GLY B 200 8.69 16.53 -10.66
C GLY B 200 8.16 16.68 -12.08
N PRO B 201 7.29 15.76 -12.52
CA PRO B 201 6.62 15.89 -13.81
C PRO B 201 5.84 17.20 -13.91
N PRO B 202 5.65 17.75 -15.12
CA PRO B 202 4.87 18.96 -15.30
C PRO B 202 3.39 18.73 -14.98
N ILE B 203 2.70 19.82 -14.64
CA ILE B 203 1.29 19.76 -14.28
C ILE B 203 0.50 20.65 -15.24
N LYS B 204 -0.59 20.09 -15.77
CA LYS B 204 -1.40 20.81 -16.75
C LYS B 204 -2.26 21.87 -16.07
N THR B 205 -2.32 23.04 -16.72
CA THR B 205 -2.94 24.25 -16.22
C THR B 205 -3.72 24.89 -17.37
N LYS B 206 -4.66 25.78 -17.05
CA LYS B 206 -5.39 26.50 -18.08
C LYS B 206 -4.42 27.32 -18.93
N ASP B 207 -3.39 27.89 -18.29
CA ASP B 207 -2.47 28.82 -18.92
C ASP B 207 -1.25 28.14 -19.53
N GLY B 208 -1.07 26.82 -19.29
CA GLY B 208 0.09 26.11 -19.80
C GLY B 208 0.52 24.97 -18.88
N TRP B 209 1.64 24.32 -19.22
CA TRP B 209 2.26 23.32 -18.36
C TRP B 209 3.07 24.00 -17.28
N PHE B 210 2.68 23.77 -16.02
CA PHE B 210 3.45 24.27 -14.88
C PHE B 210 4.53 23.25 -14.56
N LEU B 211 5.79 23.71 -14.56
CA LEU B 211 6.94 22.85 -14.40
C LEU B 211 7.86 23.44 -13.34
N ILE B 212 8.08 22.68 -12.28
CA ILE B 212 9.06 23.05 -11.29
C ILE B 212 10.41 22.52 -11.77
N TYR B 213 11.46 23.32 -11.60
CA TYR B 213 12.80 22.89 -11.96
C TYR B 213 13.73 23.13 -10.78
N HIS B 214 14.90 22.50 -10.83
CA HIS B 214 15.93 22.78 -9.86
C HIS B 214 17.11 23.43 -10.57
N ALA B 215 17.95 24.11 -9.78
CA ALA B 215 19.19 24.65 -10.30
C ALA B 215 20.22 24.68 -9.18
N ALA B 216 21.48 24.57 -9.59
CA ALA B 216 22.60 24.77 -8.69
C ALA B 216 23.27 26.10 -9.01
N ASP B 217 23.78 26.77 -7.98
CA ASP B 217 24.56 27.98 -8.16
C ASP B 217 26.03 27.59 -8.17
N ASP B 218 26.93 28.58 -8.06
CA ASP B 218 28.35 28.33 -8.24
C ASP B 218 28.98 27.69 -7.00
N ASN B 219 28.22 27.59 -5.89
CA ASN B 219 28.69 26.88 -4.71
C ASN B 219 27.90 25.59 -4.49
N ASN B 220 27.16 25.17 -5.52
CA ASN B 220 26.44 23.89 -5.51
C ASN B 220 25.30 23.92 -4.50
N VAL B 221 24.70 25.10 -4.31
CA VAL B 221 23.46 25.22 -3.56
C VAL B 221 22.31 24.96 -4.52
N TYR B 222 21.45 24.01 -4.17
CA TYR B 222 20.32 23.64 -5.00
C TYR B 222 19.06 24.33 -4.49
N ARG B 223 18.32 24.93 -5.43
CA ARG B 223 17.04 25.57 -5.17
C ARG B 223 16.06 25.19 -6.26
N LEU B 224 14.78 25.44 -6.02
CA LEU B 224 13.73 25.17 -6.99
C LEU B 224 13.24 26.47 -7.61
N GLY B 225 12.84 26.39 -8.89
CA GLY B 225 12.25 27.49 -9.63
C GLY B 225 11.00 27.01 -10.35
N ALA B 226 10.38 27.91 -11.13
CA ALA B 226 9.14 27.60 -11.81
C ALA B 226 9.13 28.16 -13.22
N VAL B 227 8.64 27.37 -14.19
CA VAL B 227 8.44 27.81 -15.55
C VAL B 227 7.06 27.38 -16.01
N LEU B 228 6.56 28.08 -17.02
CA LEU B 228 5.30 27.75 -17.67
C LEU B 228 5.57 27.51 -19.16
N LEU B 229 5.05 26.39 -19.67
CA LEU B 229 5.27 25.98 -21.05
C LEU B 229 3.93 26.02 -21.78
N ASP B 230 3.99 26.20 -23.11
CA ASP B 230 2.80 26.23 -23.94
C ASP B 230 2.15 24.85 -23.96
N LEU B 231 0.82 24.81 -23.94
CA LEU B 231 0.08 23.57 -23.82
C LEU B 231 0.31 22.64 -25.01
N GLU B 232 0.27 23.20 -26.22
CA GLU B 232 0.26 22.40 -27.43
C GLU B 232 1.68 22.19 -27.95
N ASP B 233 2.56 23.17 -27.71
CA ASP B 233 3.98 23.03 -28.00
C ASP B 233 4.80 23.30 -26.74
N PRO B 234 5.07 22.27 -25.90
CA PRO B 234 5.78 22.46 -24.64
C PRO B 234 7.25 22.85 -24.78
N SER B 235 7.77 22.94 -26.00
CA SER B 235 9.10 23.50 -26.21
C SER B 235 9.10 25.02 -26.09
N LYS B 236 7.92 25.65 -26.10
CA LYS B 236 7.86 27.11 -25.98
C LYS B 236 7.70 27.48 -24.51
N VAL B 237 8.69 28.19 -23.98
CA VAL B 237 8.59 28.74 -22.64
C VAL B 237 7.77 30.02 -22.70
N ILE B 238 6.60 30.01 -22.04
CA ILE B 238 5.73 31.15 -21.91
C ILE B 238 6.25 32.10 -20.85
N ALA B 239 6.72 31.56 -19.72
CA ALA B 239 7.22 32.38 -18.62
C ALA B 239 8.18 31.59 -17.76
N ARG B 240 9.09 32.32 -17.11
CA ARG B 240 10.07 31.76 -16.22
C ARG B 240 10.29 32.75 -15.09
N GLN B 241 9.99 32.35 -13.86
CA GLN B 241 10.17 33.24 -12.73
C GLN B 241 11.65 33.48 -12.49
N LYS B 242 12.01 34.74 -12.21
CA LYS B 242 13.39 35.12 -11.99
C LYS B 242 13.91 34.51 -10.69
N GLU B 243 13.07 34.53 -9.65
CA GLU B 243 13.46 34.16 -8.29
C GLU B 243 13.07 32.71 -8.01
N PRO B 244 13.79 32.04 -7.09
CA PRO B 244 13.42 30.67 -6.69
C PRO B 244 12.09 30.61 -5.96
N ILE B 245 11.44 29.43 -6.00
CA ILE B 245 10.20 29.17 -5.29
C ILE B 245 10.47 28.46 -3.97
N LEU B 246 11.70 27.93 -3.78
CA LEU B 246 12.06 27.22 -2.56
C LEU B 246 13.59 27.19 -2.46
N GLU B 247 14.11 27.50 -1.27
CA GLU B 247 15.54 27.49 -1.02
C GLU B 247 15.79 26.78 0.31
N PRO B 248 17.01 26.23 0.54
CA PRO B 248 17.35 25.66 1.84
C PRO B 248 17.27 26.74 2.93
N GLU B 249 16.42 26.49 3.93
CA GLU B 249 16.18 27.44 5.01
C GLU B 249 16.26 26.71 6.35
N LEU B 250 15.50 25.61 6.49
CA LEU B 250 15.49 24.85 7.73
C LEU B 250 16.80 24.07 7.90
N GLY B 251 17.07 23.65 9.13
CA GLY B 251 18.32 23.00 9.48
C GLY B 251 18.54 21.70 8.70
N TRP B 252 17.46 20.97 8.41
CA TRP B 252 17.55 19.67 7.75
C TRP B 252 17.54 19.83 6.21
N GLU B 253 17.35 21.07 5.74
CA GLU B 253 17.56 21.41 4.34
C GLU B 253 19.00 21.88 4.12
N LYS B 254 19.57 22.55 5.11
CA LYS B 254 20.90 23.11 5.00
C LYS B 254 21.98 22.11 5.41
N GLU B 255 21.68 21.25 6.40
CA GLU B 255 22.68 20.35 6.95
C GLU B 255 22.23 18.91 6.76
N GLY B 256 23.19 18.07 6.35
CA GLY B 256 22.96 16.70 5.96
C GLY B 256 24.12 16.20 5.11
N TYR B 257 23.95 15.06 4.45
CA TYR B 257 25.03 14.44 3.71
C TYR B 257 25.50 15.35 2.57
N ILE B 258 24.56 16.05 1.93
CA ILE B 258 24.90 17.03 0.92
C ILE B 258 24.30 18.36 1.36
N PRO B 259 25.12 19.32 1.84
CA PRO B 259 24.58 20.57 2.39
C PRO B 259 23.88 21.45 1.37
N ASN B 260 22.88 22.19 1.86
CA ASN B 260 22.23 23.27 1.13
C ASN B 260 21.57 22.74 -0.12
N VAL B 261 20.67 21.76 0.04
CA VAL B 261 19.94 21.19 -1.07
C VAL B 261 18.46 21.11 -0.74
N VAL B 262 17.64 21.63 -1.64
CA VAL B 262 16.28 21.18 -1.81
C VAL B 262 16.16 20.68 -3.24
N PHE B 263 15.49 19.54 -3.42
CA PHE B 263 15.46 18.87 -4.69
C PHE B 263 14.18 18.04 -4.78
N SER B 264 13.39 18.26 -5.83
CA SER B 264 12.10 17.60 -5.99
C SER B 264 12.10 16.65 -7.18
N CYS B 265 11.42 15.50 -7.00
CA CYS B 265 11.10 14.59 -8.09
C CYS B 265 9.61 14.29 -8.14
N GLY B 266 8.82 15.03 -7.37
CA GLY B 266 7.43 14.65 -7.14
C GLY B 266 6.56 15.84 -6.75
N ASN B 267 5.40 15.94 -7.39
CA ASN B 267 4.40 16.93 -7.04
C ASN B 267 3.01 16.32 -7.27
N ALA B 268 2.36 15.95 -6.15
CA ALA B 268 1.03 15.38 -6.16
C ALA B 268 -0.01 16.49 -6.10
N VAL B 269 -1.17 16.25 -6.72
CA VAL B 269 -2.23 17.26 -6.75
C VAL B 269 -3.49 16.70 -6.10
N LYS B 270 -4.01 17.45 -5.12
CA LYS B 270 -5.30 17.15 -4.51
C LYS B 270 -6.13 18.43 -4.40
N ASP B 271 -7.28 18.46 -5.10
CA ASP B 271 -8.24 19.55 -5.03
C ASP B 271 -7.57 20.91 -5.28
N ASP B 272 -6.89 21.04 -6.42
CA ASP B 272 -6.29 22.30 -6.82
C ASP B 272 -5.18 22.76 -5.87
N THR B 273 -4.63 21.85 -5.05
CA THR B 273 -3.41 22.16 -4.31
C THR B 273 -2.30 21.22 -4.75
N ILE B 274 -1.13 21.79 -5.02
CA ILE B 274 0.05 21.04 -5.39
C ILE B 274 0.87 20.78 -4.14
N TYR B 275 1.15 19.50 -3.87
CA TYR B 275 2.03 19.09 -2.80
C TYR B 275 3.38 18.73 -3.39
N VAL B 276 4.37 19.58 -3.16
CA VAL B 276 5.72 19.38 -3.67
C VAL B 276 6.53 18.66 -2.60
N TYR B 277 6.90 17.40 -2.87
CA TYR B 277 7.79 16.65 -2.01
C TYR B 277 9.21 16.91 -2.48
N TYR B 278 10.14 17.00 -1.52
CA TYR B 278 11.50 17.39 -1.84
C TYR B 278 12.46 16.76 -0.85
N GLY B 279 13.63 16.36 -1.35
CA GLY B 279 14.73 15.94 -0.52
C GLY B 279 15.37 17.18 0.12
N GLY B 280 15.68 17.07 1.41
CA GLY B 280 16.46 18.06 2.12
C GLY B 280 17.85 17.50 2.40
N ALA B 281 18.86 18.18 1.86
CA ALA B 281 20.27 17.85 2.06
C ALA B 281 20.58 16.40 1.69
N ASP B 282 19.83 15.84 0.73
CA ASP B 282 20.00 14.46 0.29
C ASP B 282 19.92 13.49 1.47
N THR B 283 19.08 13.83 2.46
CA THR B 283 19.03 13.05 3.70
C THR B 283 17.59 12.72 4.12
N VAL B 284 16.66 13.69 4.00
CA VAL B 284 15.29 13.50 4.43
C VAL B 284 14.35 14.06 3.38
N ILE B 285 13.03 13.87 3.60
CA ILE B 285 12.01 14.34 2.69
C ILE B 285 11.09 15.32 3.42
N GLY B 286 10.81 16.45 2.76
CA GLY B 286 9.88 17.45 3.24
C GLY B 286 8.75 17.67 2.23
N VAL B 287 7.80 18.53 2.58
CA VAL B 287 6.67 18.84 1.71
C VAL B 287 6.33 20.32 1.85
N ALA B 288 6.03 20.94 0.71
CA ALA B 288 5.59 22.33 0.64
C ALA B 288 4.48 22.42 -0.40
N ILE B 289 3.58 23.40 -0.26
CA ILE B 289 2.42 23.43 -1.12
C ILE B 289 2.37 24.72 -1.94
N LEU B 290 1.58 24.64 -3.01
CA LEU B 290 1.24 25.76 -3.86
C LEU B 290 -0.19 25.54 -4.37
N GLU B 291 -1.07 26.49 -4.09
CA GLU B 291 -2.44 26.41 -4.59
C GLU B 291 -2.43 26.86 -6.05
N MET B 292 -3.19 26.17 -6.89
CA MET B 292 -3.12 26.43 -8.32
C MET B 292 -3.56 27.85 -8.66
N LYS B 293 -4.43 28.44 -7.83
CA LYS B 293 -4.85 29.81 -8.04
C LYS B 293 -3.70 30.79 -7.80
N ASP B 294 -2.62 30.35 -7.14
CA ASP B 294 -1.48 31.22 -6.87
C ASP B 294 -0.36 31.06 -7.91
N ILE B 295 -0.58 30.27 -8.97
CA ILE B 295 0.38 30.18 -10.06
C ILE B 295 0.22 31.43 -10.93
N LYS B 296 1.10 32.42 -10.71
CA LYS B 296 1.05 33.70 -11.40
C LYS B 296 2.47 34.19 -11.65
N PHE B 297 2.79 34.45 -12.94
CA PHE B 297 4.09 34.92 -13.36
C PHE B 297 4.06 36.41 -13.76
N HIS B 298 5.09 37.18 -13.35
CA HIS B 298 5.14 38.63 -13.56
C HIS B 298 4.49 39.01 -14.90
C1 MAN C . -12.23 -14.39 22.70
C2 MAN C . -11.01 -14.39 21.78
C3 MAN C . -10.17 -13.12 22.02
C4 MAN C . -11.03 -11.86 21.96
C5 MAN C . -12.28 -11.96 22.88
C6 MAN C . -13.25 -10.83 22.63
O1 MAN C . -11.78 -14.46 24.00
O2 MAN C . -11.40 -14.56 20.41
O3 MAN C . -9.10 -13.04 21.08
O4 MAN C . -10.28 -10.74 22.38
O5 MAN C . -13.02 -13.18 22.64
O6 MAN C . -13.82 -10.92 21.31
P PO4 D . -15.03 -18.24 18.34
O1 PO4 D . -15.83 -17.82 19.55
O2 PO4 D . -14.85 -17.08 17.39
O3 PO4 D . -13.65 -18.69 18.81
O4 PO4 D . -15.76 -19.38 17.65
P PO4 E . -17.61 1.49 16.72
O1 PO4 E . -18.39 2.13 17.89
O2 PO4 E . -16.12 1.51 17.03
O3 PO4 E . -18.04 0.05 16.52
O4 PO4 E . -17.87 2.26 15.43
C1 EDO F . -6.78 -0.96 -3.24
O1 EDO F . -8.01 -1.02 -3.96
C2 EDO F . -6.06 -2.26 -3.23
O2 EDO F . -5.88 -2.86 -4.51
C1 EDO G . -16.42 -15.27 23.25
O1 EDO G . -15.38 -15.82 24.03
C2 EDO G . -16.52 -15.93 21.94
O2 EDO G . -15.32 -15.88 21.17
C1 EDO H . -8.92 -16.83 17.81
O1 EDO H . -9.62 -15.59 18.13
C2 EDO H . -9.49 -18.11 18.35
O2 EDO H . -8.70 -18.80 19.32
C1 EDO I . 8.34 -12.56 5.40
O1 EDO I . 8.32 -13.97 5.32
C2 EDO I . 6.99 -11.96 5.24
O2 EDO I . 6.27 -12.47 4.14
C1 MAN J . 25.25 12.58 -8.81
C2 MAN J . 24.24 12.58 -7.67
C3 MAN J . 24.22 11.21 -6.96
C4 MAN J . 24.04 10.08 -7.98
C5 MAN J . 25.04 10.17 -9.15
C6 MAN J . 24.69 9.25 -10.30
O1 MAN J . 26.56 12.50 -8.34
O2 MAN J . 22.95 12.96 -8.15
O3 MAN J . 23.19 11.20 -5.97
O4 MAN J . 24.21 8.83 -7.34
O5 MAN J . 25.06 11.49 -9.73
O6 MAN J . 23.48 9.64 -10.98
P PO4 K . 21.64 17.35 -11.25
O1 PO4 K . 20.57 16.26 -11.28
O2 PO4 K . 22.09 17.62 -9.82
O3 PO4 K . 22.86 16.87 -12.04
O4 PO4 K . 21.06 18.63 -11.81
P PO4 L . 17.72 -1.54 -16.71
O1 PO4 L . 16.33 -2.18 -16.70
O2 PO4 L . 18.19 -1.34 -15.28
O3 PO4 L . 18.71 -2.45 -17.46
O4 PO4 L . 17.63 -0.19 -17.40
C1 EDO M . 25.89 32.17 -7.40
O1 EDO M . 26.03 31.81 -8.78
C2 EDO M . 26.09 33.61 -7.09
O2 EDO M . 24.99 34.46 -7.42
C1 EDO N . 9.55 5.21 -32.69
O1 EDO N . 8.78 4.10 -33.00
C2 EDO N . 8.86 6.51 -32.95
O2 EDO N . 8.89 7.39 -31.85
C1 EDO O . 20.70 15.07 -5.42
O1 EDO O . 20.76 14.11 -6.50
C2 EDO O . 21.08 16.47 -5.72
O2 EDO O . 22.19 16.98 -5.00
C1 EDO P . -2.39 2.26 -6.73
O1 EDO P . -3.12 2.31 -7.94
C2 EDO P . -2.37 3.60 -6.06
O2 EDO P . -3.66 4.06 -5.65
#